data_1UXN
#
_entry.id   1UXN
#
_cell.length_a   185.520
_cell.length_b   185.520
_cell.length_c   134.120
_cell.angle_alpha   90.00
_cell.angle_beta   90.00
_cell.angle_gamma   120.00
#
_symmetry.space_group_name_H-M   'P 62 2 2'
#
loop_
_entity.id
_entity.type
_entity.pdbx_description
1 polymer 'GLYCERALDEHYDE-3-PHOSPHATE DEHYDROGENASE (NADP+)'
2 non-polymer 'ADENOSINE MONOPHOSPHATE'
3 non-polymer 'NADP NICOTINAMIDE-ADENINE-DINUCLEOTIDE PHOSPHATE'
4 non-polymer 'SODIUM ION'
5 water water
#
_entity_poly.entity_id   1
_entity_poly.type   'polypeptide(L)'
_entity_poly.pdbx_seq_one_letter_code
;MRAGLLEGVIKEKGGVPVYPSYLAGEWGGSGQEIEVKSPIDLATIAKVISPSREEVERTLDVLFKRGRWSARDMPGTERL
AVLRKAADIIERNLDVFAEVLVMNAGKPKSAAVGEVKAAVDRLRLAELDLKKIGGDYIPGDWTYDTLETEGLVRREPLGV
VAAITPFNYPLFDAVNKITYSFIYGNAVVVKPSISDPLPAAMAVKALLDAGFPPDAIALLNLPGKEAEKIVADDRVAAVS
FTGSTEVGERVVKVGGVKQYVMELGGGDPAIVLEDADLDLAADKIARGIYSYAGQRCDAIKLVLAERPVYGKLVEEVAKR
LSSLRVGDPRDPTVDVGPLISPSAVDEMMAAIEDAVEKGGRVLAGGRRLGPTYVQPTFVEAPADRVKDMVLYKREVFAPV
ALAVEVKDLDQAIELANGRPYGLDAAVFGRDVVKIRRAVRLLEVGAIYINDMPRHGIGYYPFGGRKKSGVFREGIGYAVE
AVTAYKTIVFNYKGKGVWKYE
;
_entity_poly.pdbx_strand_id   A
#
loop_
_chem_comp.id
_chem_comp.type
_chem_comp.name
_chem_comp.formula
AMP non-polymer 'ADENOSINE MONOPHOSPHATE' 'C10 H14 N5 O7 P'
NA non-polymer 'SODIUM ION' 'Na 1'
NAP non-polymer 'NADP NICOTINAMIDE-ADENINE-DINUCLEOTIDE PHOSPHATE' 'C21 H28 N7 O17 P3'
#
# COMPACT_ATOMS: atom_id res chain seq x y z
N ALA A 3 2.59 -10.20 24.48
CA ALA A 3 2.52 -11.59 25.00
C ALA A 3 2.71 -12.63 23.88
N GLY A 4 3.07 -13.86 24.27
CA GLY A 4 3.31 -14.95 23.32
C GLY A 4 4.55 -14.70 22.48
N LEU A 5 4.32 -14.16 21.29
CA LEU A 5 5.38 -13.85 20.35
C LEU A 5 6.20 -12.68 20.90
N LEU A 6 5.50 -11.72 21.50
CA LEU A 6 6.13 -10.54 22.07
C LEU A 6 6.44 -10.69 23.56
N GLU A 7 6.51 -11.94 24.01
CA GLU A 7 6.77 -12.30 25.40
C GLU A 7 7.64 -11.32 26.18
N GLY A 8 8.95 -11.41 25.98
CA GLY A 8 9.86 -10.55 26.72
C GLY A 8 10.11 -9.18 26.13
N VAL A 9 9.28 -8.77 25.18
CA VAL A 9 9.44 -7.46 24.53
C VAL A 9 8.48 -6.45 25.12
N ILE A 10 7.19 -6.75 25.04
CA ILE A 10 6.14 -5.91 25.59
C ILE A 10 6.31 -5.79 27.11
N LYS A 11 5.94 -4.62 27.63
CA LYS A 11 6.04 -4.36 29.07
C LYS A 11 4.69 -3.86 29.57
N GLU A 12 4.07 -4.60 30.50
CA GLU A 12 2.80 -4.16 31.06
C GLU A 12 3.14 -3.11 32.09
N LYS A 13 2.77 -1.87 31.79
CA LYS A 13 3.05 -0.77 32.69
C LYS A 13 1.75 0.03 32.90
N GLY A 14 1.30 0.08 34.14
CA GLY A 14 0.08 0.80 34.45
C GLY A 14 -1.15 0.30 33.73
N GLY A 15 -1.26 -1.02 33.60
CA GLY A 15 -2.42 -1.62 32.94
C GLY A 15 -2.49 -1.63 31.41
N VAL A 16 -1.58 -0.92 30.75
CA VAL A 16 -1.60 -0.87 29.29
C VAL A 16 -0.28 -1.39 28.72
N PRO A 17 -0.34 -2.39 27.82
CA PRO A 17 0.92 -2.91 27.25
C PRO A 17 1.76 -1.83 26.54
N VAL A 18 3.06 -1.79 26.84
CA VAL A 18 3.96 -0.80 26.23
C VAL A 18 4.90 -1.48 25.22
N TYR A 19 4.78 -1.06 23.96
CA TYR A 19 5.59 -1.61 22.86
C TYR A 19 6.83 -0.79 22.55
N PRO A 20 8.02 -1.38 22.71
CA PRO A 20 9.24 -0.63 22.43
C PRO A 20 9.59 -0.64 20.94
N SER A 21 10.50 0.23 20.54
CA SER A 21 10.96 0.31 19.16
C SER A 21 12.10 -0.71 19.05
N TYR A 22 12.35 -1.24 17.85
CA TYR A 22 13.48 -2.16 17.69
C TYR A 22 14.62 -1.35 17.07
N LEU A 23 15.70 -1.20 17.83
CA LEU A 23 16.87 -0.41 17.43
C LEU A 23 18.01 -1.13 16.72
N ALA A 24 17.69 -2.05 15.82
CA ALA A 24 18.72 -2.78 15.06
C ALA A 24 19.70 -3.49 15.97
N GLY A 25 19.18 -4.35 16.84
CA GLY A 25 20.03 -5.08 17.74
C GLY A 25 19.28 -5.42 19.00
N GLU A 26 18.60 -4.42 19.56
CA GLU A 26 17.83 -4.61 20.78
C GLU A 26 16.53 -3.81 20.78
N TRP A 27 15.50 -4.36 21.41
CA TRP A 27 14.22 -3.65 21.53
C TRP A 27 14.43 -2.62 22.64
N GLY A 28 13.82 -1.46 22.53
CA GLY A 28 14.01 -0.44 23.55
C GLY A 28 13.51 0.92 23.13
N GLY A 29 14.21 1.96 23.56
CA GLY A 29 13.81 3.32 23.24
C GLY A 29 13.72 4.15 24.51
N SER A 30 14.12 5.41 24.43
CA SER A 30 14.06 6.25 25.62
C SER A 30 13.45 7.61 25.29
N GLY A 31 12.63 7.64 24.24
CA GLY A 31 11.97 8.87 23.86
C GLY A 31 10.56 8.87 24.43
N GLN A 32 9.76 9.86 24.07
CA GLN A 32 8.39 9.96 24.56
C GLN A 32 7.61 8.67 24.29
N GLU A 33 6.62 8.40 25.14
CA GLU A 33 5.77 7.22 24.97
C GLU A 33 4.53 7.77 24.30
N ILE A 34 3.90 6.99 23.43
CA ILE A 34 2.71 7.47 22.72
C ILE A 34 1.55 6.49 22.79
N GLU A 35 0.35 7.02 23.01
CA GLU A 35 -0.84 6.21 23.12
C GLU A 35 -1.37 5.74 21.79
N VAL A 36 -1.77 4.48 21.76
CA VAL A 36 -2.31 3.87 20.58
C VAL A 36 -3.76 3.56 20.93
N LYS A 37 -4.68 4.01 20.10
CA LYS A 37 -6.10 3.82 20.40
C LYS A 37 -6.83 2.96 19.40
N SER A 38 -8.02 2.52 19.76
CA SER A 38 -8.82 1.70 18.87
C SER A 38 -9.96 2.55 18.35
N PRO A 39 -10.27 2.43 17.05
CA PRO A 39 -11.36 3.24 16.50
C PRO A 39 -12.69 2.62 16.91
N ILE A 40 -12.63 1.43 17.48
CA ILE A 40 -13.85 0.76 17.90
C ILE A 40 -14.49 1.46 19.11
N ASP A 41 -13.67 2.01 20.01
CA ASP A 41 -14.19 2.69 21.20
C ASP A 41 -13.35 3.86 21.67
N LEU A 42 -12.45 4.34 20.84
CA LEU A 42 -11.61 5.45 21.21
C LEU A 42 -10.79 5.22 22.47
N ALA A 43 -10.71 3.97 22.90
CA ALA A 43 -9.94 3.64 24.09
C ALA A 43 -8.46 3.34 23.79
N THR A 44 -7.60 3.66 24.75
CA THR A 44 -6.16 3.43 24.65
C THR A 44 -5.88 1.94 24.88
N ILE A 45 -5.39 1.25 23.85
CA ILE A 45 -5.13 -0.17 23.98
C ILE A 45 -3.65 -0.50 24.18
N ALA A 46 -2.80 0.49 24.01
CA ALA A 46 -1.38 0.26 24.17
C ALA A 46 -0.64 1.56 24.06
N LYS A 47 0.66 1.50 24.26
CA LYS A 47 1.55 2.65 24.15
C LYS A 47 2.75 2.13 23.37
N VAL A 48 3.43 3.02 22.66
CA VAL A 48 4.64 2.62 21.94
C VAL A 48 5.71 3.58 22.39
N ILE A 49 6.94 3.09 22.50
CA ILE A 49 8.03 3.94 22.90
C ILE A 49 8.74 4.44 21.63
N SER A 50 8.85 5.76 21.48
CA SER A 50 9.52 6.30 20.33
C SER A 50 11.01 6.43 20.68
N PRO A 51 11.88 6.28 19.69
CA PRO A 51 13.32 6.38 19.97
C PRO A 51 13.72 7.84 20.11
N SER A 52 14.79 8.08 20.84
CA SER A 52 15.29 9.44 21.02
C SER A 52 16.15 9.82 19.81
N ARG A 53 16.52 11.09 19.71
CA ARG A 53 17.37 11.57 18.63
C ARG A 53 18.59 10.67 18.50
N GLU A 54 19.27 10.48 19.61
CA GLU A 54 20.47 9.64 19.67
C GLU A 54 20.27 8.18 19.26
N GLU A 55 19.10 7.62 19.58
CA GLU A 55 18.83 6.23 19.23
C GLU A 55 18.55 6.10 17.73
N VAL A 56 17.99 7.15 17.15
CA VAL A 56 17.72 7.18 15.72
C VAL A 56 19.09 7.21 15.03
N GLU A 57 19.94 8.12 15.48
CA GLU A 57 21.29 8.26 14.94
C GLU A 57 22.10 6.96 15.06
N ARG A 58 22.05 6.34 16.24
CA ARG A 58 22.78 5.11 16.47
C ARG A 58 22.22 3.97 15.61
N THR A 59 20.90 3.89 15.49
CA THR A 59 20.26 2.86 14.69
C THR A 59 20.67 2.95 13.21
N LEU A 60 20.60 4.15 12.66
CA LEU A 60 20.96 4.38 11.26
C LEU A 60 22.43 3.98 11.09
N ASP A 61 23.25 4.37 12.05
CA ASP A 61 24.66 4.04 12.01
C ASP A 61 24.86 2.53 12.00
N VAL A 62 24.02 1.80 12.76
CA VAL A 62 24.17 0.36 12.77
C VAL A 62 23.73 -0.23 11.43
N LEU A 63 22.56 0.19 10.97
CA LEU A 63 22.02 -0.29 9.69
C LEU A 63 23.02 -0.07 8.54
N PHE A 64 23.63 1.12 8.52
CA PHE A 64 24.60 1.48 7.48
C PHE A 64 25.93 0.72 7.57
N LYS A 65 26.59 0.78 8.72
CA LYS A 65 27.88 0.11 8.89
C LYS A 65 27.86 -1.42 8.98
N ARG A 66 26.79 -1.99 9.56
CA ARG A 66 26.72 -3.45 9.71
C ARG A 66 25.54 -4.11 9.01
N GLY A 67 24.38 -3.48 9.12
CA GLY A 67 23.17 -4.03 8.50
C GLY A 67 23.27 -4.35 7.02
N ARG A 68 23.79 -3.39 6.24
CA ARG A 68 23.92 -3.59 4.80
C ARG A 68 24.70 -4.87 4.53
N TRP A 69 25.76 -5.08 5.30
CA TRP A 69 26.58 -6.26 5.08
C TRP A 69 25.98 -7.55 5.61
N SER A 70 25.22 -7.49 6.71
CA SER A 70 24.58 -8.70 7.27
C SER A 70 23.52 -9.20 6.33
N ALA A 71 22.80 -8.26 5.72
CA ALA A 71 21.76 -8.64 4.76
C ALA A 71 22.42 -9.14 3.48
N ARG A 72 23.35 -8.36 2.97
CA ARG A 72 24.04 -8.69 1.73
C ARG A 72 24.90 -9.94 1.83
N ASP A 73 25.59 -10.11 2.95
CA ASP A 73 26.42 -11.28 3.04
C ASP A 73 25.70 -12.53 3.47
N MET A 74 24.39 -12.45 3.65
CA MET A 74 23.61 -13.65 3.95
C MET A 74 23.17 -14.11 2.54
N PRO A 75 23.61 -15.30 2.09
CA PRO A 75 23.19 -15.69 0.74
C PRO A 75 21.68 -15.78 0.57
N GLY A 76 21.22 -15.54 -0.67
CA GLY A 76 19.80 -15.58 -0.97
C GLY A 76 19.05 -16.82 -0.49
N THR A 77 19.71 -17.97 -0.56
CA THR A 77 19.08 -19.21 -0.11
C THR A 77 18.70 -19.10 1.39
N GLU A 78 19.54 -18.47 2.21
CA GLU A 78 19.23 -18.31 3.62
C GLU A 78 18.20 -17.20 3.83
N ARG A 79 18.28 -16.13 3.04
CA ARG A 79 17.32 -15.05 3.18
C ARG A 79 15.93 -15.61 2.95
N LEU A 80 15.82 -16.47 1.95
CA LEU A 80 14.56 -17.10 1.62
C LEU A 80 14.06 -17.98 2.79
N ALA A 81 14.97 -18.73 3.41
CA ALA A 81 14.61 -19.59 4.53
C ALA A 81 14.12 -18.72 5.69
N VAL A 82 14.76 -17.56 5.87
CA VAL A 82 14.33 -16.67 6.92
C VAL A 82 12.91 -16.22 6.68
N LEU A 83 12.61 -15.79 5.45
CA LEU A 83 11.27 -15.33 5.10
C LEU A 83 10.20 -16.41 5.23
N ARG A 84 10.55 -17.64 4.85
CA ARG A 84 9.61 -18.76 4.95
C ARG A 84 9.35 -19.15 6.39
N LYS A 85 10.36 -19.00 7.23
CA LYS A 85 10.20 -19.34 8.63
C LYS A 85 9.28 -18.27 9.23
N ALA A 86 9.53 -17.02 8.88
CA ALA A 86 8.71 -15.92 9.37
C ALA A 86 7.26 -16.18 9.01
N ALA A 87 7.03 -16.69 7.80
CA ALA A 87 5.67 -16.98 7.37
C ALA A 87 5.06 -18.07 8.28
N ASP A 88 5.85 -19.07 8.64
CA ASP A 88 5.35 -20.13 9.51
C ASP A 88 4.97 -19.57 10.86
N ILE A 89 5.81 -18.71 11.39
CA ILE A 89 5.58 -18.11 12.68
C ILE A 89 4.35 -17.22 12.71
N ILE A 90 4.12 -16.46 11.65
CA ILE A 90 2.94 -15.60 11.63
C ILE A 90 1.68 -16.42 11.47
N GLU A 91 1.77 -17.47 10.66
CA GLU A 91 0.64 -18.32 10.40
C GLU A 91 0.15 -19.09 11.63
N ARG A 92 1.07 -19.55 12.46
CA ARG A 92 0.63 -20.26 13.64
C ARG A 92 0.09 -19.28 14.67
N ASN A 93 0.41 -18.00 14.51
CA ASN A 93 -0.07 -16.97 15.42
C ASN A 93 -1.19 -16.19 14.72
N LEU A 94 -1.82 -16.80 13.74
CA LEU A 94 -2.88 -16.12 12.98
C LEU A 94 -3.98 -15.39 13.76
N ASP A 95 -4.60 -16.07 14.73
CA ASP A 95 -5.67 -15.46 15.51
C ASP A 95 -5.20 -14.21 16.25
N VAL A 96 -4.01 -14.27 16.82
CA VAL A 96 -3.46 -13.13 17.56
C VAL A 96 -3.11 -11.95 16.64
N PHE A 97 -2.61 -12.23 15.43
CA PHE A 97 -2.27 -11.17 14.48
C PHE A 97 -3.61 -10.52 14.05
N ALA A 98 -4.59 -11.37 13.74
CA ALA A 98 -5.90 -10.88 13.33
C ALA A 98 -6.59 -10.01 14.40
N GLU A 99 -6.60 -10.49 15.65
CA GLU A 99 -7.25 -9.77 16.75
C GLU A 99 -6.72 -8.38 16.86
N VAL A 100 -5.41 -8.25 16.78
CA VAL A 100 -4.77 -6.94 16.88
C VAL A 100 -5.18 -6.03 15.72
N LEU A 101 -5.41 -6.61 14.54
CA LEU A 101 -5.82 -5.85 13.38
C LEU A 101 -7.25 -5.35 13.61
N VAL A 102 -8.11 -6.26 14.07
CA VAL A 102 -9.50 -5.91 14.34
C VAL A 102 -9.53 -4.79 15.38
N MET A 103 -8.84 -4.99 16.51
CA MET A 103 -8.87 -3.96 17.54
C MET A 103 -8.16 -2.69 17.19
N ASN A 104 -6.91 -2.80 16.74
CA ASN A 104 -6.13 -1.62 16.43
C ASN A 104 -6.52 -0.85 15.16
N ALA A 105 -6.99 -1.55 14.13
CA ALA A 105 -7.33 -0.91 12.86
C ALA A 105 -8.83 -0.80 12.57
N GLY A 106 -9.65 -1.46 13.38
CA GLY A 106 -11.09 -1.40 13.21
C GLY A 106 -11.51 -2.26 12.05
N LYS A 107 -10.67 -3.23 11.73
CA LYS A 107 -10.91 -4.08 10.61
C LYS A 107 -11.83 -5.25 10.90
N PRO A 108 -12.84 -5.46 10.06
CA PRO A 108 -13.79 -6.56 10.21
C PRO A 108 -13.04 -7.89 10.26
N LYS A 109 -13.41 -8.75 11.21
CA LYS A 109 -12.81 -10.07 11.39
C LYS A 109 -12.32 -10.79 10.11
N SER A 110 -13.19 -10.92 9.11
CA SER A 110 -12.82 -11.60 7.88
C SER A 110 -11.75 -10.89 7.05
N ALA A 111 -11.68 -9.56 7.19
CA ALA A 111 -10.70 -8.77 6.44
C ALA A 111 -9.39 -8.77 7.20
N ALA A 112 -9.47 -8.92 8.53
CA ALA A 112 -8.28 -8.94 9.34
C ALA A 112 -7.59 -10.28 9.09
N VAL A 113 -8.39 -11.34 8.96
CA VAL A 113 -7.86 -12.68 8.69
C VAL A 113 -7.22 -12.69 7.29
N GLY A 114 -7.87 -12.02 6.34
CA GLY A 114 -7.39 -11.95 4.97
C GLY A 114 -6.04 -11.23 4.88
N GLU A 115 -5.84 -10.18 5.66
CA GLU A 115 -4.57 -9.46 5.64
C GLU A 115 -3.44 -10.30 6.22
N VAL A 116 -3.72 -11.03 7.30
CA VAL A 116 -2.68 -11.88 7.89
C VAL A 116 -2.30 -12.93 6.87
N LYS A 117 -3.29 -13.49 6.18
CA LYS A 117 -3.01 -14.50 5.20
C LYS A 117 -2.29 -13.92 3.99
N ALA A 118 -2.49 -12.64 3.73
CA ALA A 118 -1.82 -12.00 2.60
C ALA A 118 -0.35 -11.87 2.96
N ALA A 119 -0.10 -11.48 4.21
CA ALA A 119 1.26 -11.30 4.70
C ALA A 119 2.02 -12.62 4.67
N VAL A 120 1.34 -13.71 5.01
CA VAL A 120 1.92 -15.04 5.02
C VAL A 120 2.27 -15.46 3.61
N ASP A 121 1.33 -15.30 2.69
CA ASP A 121 1.58 -15.66 1.30
C ASP A 121 2.70 -14.83 0.70
N ARG A 122 2.71 -13.52 0.97
CA ARG A 122 3.74 -12.66 0.43
C ARG A 122 5.14 -13.18 0.78
N LEU A 123 5.32 -13.55 2.06
CA LEU A 123 6.61 -14.05 2.55
C LEU A 123 6.95 -15.37 1.91
N ARG A 124 5.95 -16.22 1.82
CA ARG A 124 6.11 -17.55 1.28
C ARG A 124 6.40 -17.56 -0.23
N LEU A 125 5.94 -16.53 -0.92
CA LEU A 125 6.12 -16.44 -2.37
C LEU A 125 7.31 -15.56 -2.78
N ALA A 126 8.21 -15.30 -1.84
CA ALA A 126 9.39 -14.49 -2.09
C ALA A 126 10.24 -15.17 -3.15
N GLU A 127 9.97 -16.45 -3.37
CA GLU A 127 10.66 -17.25 -4.36
C GLU A 127 10.32 -16.73 -5.75
N LEU A 128 9.11 -16.19 -5.91
CA LEU A 128 8.69 -15.66 -7.19
C LEU A 128 9.34 -14.31 -7.49
N ASP A 129 9.81 -13.62 -6.46
CA ASP A 129 10.46 -12.34 -6.68
C ASP A 129 11.74 -12.52 -7.46
N LEU A 130 12.27 -13.75 -7.46
CA LEU A 130 13.51 -14.04 -8.17
C LEU A 130 13.34 -14.08 -9.67
N LYS A 131 12.09 -14.05 -10.14
CA LYS A 131 11.83 -14.10 -11.57
C LYS A 131 12.45 -12.94 -12.33
N LYS A 132 12.72 -11.83 -11.66
CA LYS A 132 13.32 -10.67 -12.31
C LYS A 132 14.78 -10.49 -11.91
N ILE A 133 15.43 -11.61 -11.60
CA ILE A 133 16.84 -11.57 -11.26
C ILE A 133 17.52 -12.07 -12.52
N GLY A 134 18.56 -11.38 -12.95
CA GLY A 134 19.27 -11.78 -14.14
C GLY A 134 20.12 -10.60 -14.57
N GLY A 135 20.14 -10.34 -15.86
CA GLY A 135 20.87 -9.19 -16.35
C GLY A 135 21.07 -9.37 -17.83
N ASP A 136 21.87 -8.53 -18.45
CA ASP A 136 22.11 -8.80 -19.84
C ASP A 136 23.54 -8.65 -20.23
N TYR A 137 23.80 -9.26 -21.35
CA TYR A 137 25.09 -9.23 -21.94
C TYR A 137 24.91 -8.27 -23.12
N ILE A 138 25.81 -7.33 -23.27
CA ILE A 138 25.71 -6.44 -24.41
C ILE A 138 27.00 -6.62 -25.19
N PRO A 139 26.95 -7.37 -26.32
CA PRO A 139 28.15 -7.58 -27.15
C PRO A 139 28.47 -6.23 -27.80
N GLY A 140 29.76 -5.92 -28.01
CA GLY A 140 30.06 -4.61 -28.56
C GLY A 140 30.21 -4.42 -30.08
N ASP A 141 30.03 -5.46 -30.88
CA ASP A 141 30.26 -5.32 -32.30
C ASP A 141 29.15 -4.71 -33.15
N TRP A 142 28.21 -4.01 -32.52
CA TRP A 142 27.11 -3.39 -33.26
C TRP A 142 27.37 -1.91 -33.51
N THR A 143 28.57 -1.48 -33.16
CA THR A 143 29.03 -0.11 -33.32
C THR A 143 30.54 -0.20 -33.51
N TYR A 144 31.10 0.58 -34.44
CA TYR A 144 32.53 0.53 -34.67
C TYR A 144 33.27 1.01 -33.44
N ASP A 145 32.70 1.97 -32.73
CA ASP A 145 33.32 2.51 -31.53
C ASP A 145 33.46 1.51 -30.39
N THR A 146 32.52 0.57 -30.29
CA THR A 146 32.54 -0.40 -29.21
C THR A 146 33.11 -1.75 -29.59
N LEU A 147 33.68 -1.84 -30.79
CA LEU A 147 34.28 -3.07 -31.30
C LEU A 147 35.32 -3.67 -30.33
N GLU A 148 35.30 -4.98 -30.13
CA GLU A 148 36.24 -5.66 -29.23
C GLU A 148 36.04 -5.26 -27.77
N THR A 149 34.87 -4.70 -27.52
CA THR A 149 34.47 -4.27 -26.19
C THR A 149 33.29 -5.17 -25.84
N GLU A 150 32.85 -5.15 -24.58
CA GLU A 150 31.79 -6.04 -24.14
C GLU A 150 31.15 -5.53 -22.83
N GLY A 151 29.84 -5.71 -22.67
CA GLY A 151 29.17 -5.25 -21.46
C GLY A 151 28.29 -6.23 -20.68
N LEU A 152 28.39 -6.15 -19.36
CA LEU A 152 27.60 -6.96 -18.46
C LEU A 152 26.80 -6.02 -17.57
N VAL A 153 25.49 -6.22 -17.48
CA VAL A 153 24.66 -5.38 -16.63
C VAL A 153 23.90 -6.25 -15.61
N ARG A 154 23.99 -5.89 -14.34
CA ARG A 154 23.26 -6.65 -13.31
C ARG A 154 22.75 -5.68 -12.26
N ARG A 155 22.07 -6.19 -11.25
CA ARG A 155 21.57 -5.32 -10.18
C ARG A 155 22.25 -5.60 -8.86
N GLU A 156 22.20 -4.60 -7.98
CA GLU A 156 22.80 -4.68 -6.68
C GLU A 156 21.91 -4.00 -5.65
N PRO A 157 21.88 -4.53 -4.41
CA PRO A 157 21.03 -3.87 -3.41
C PRO A 157 21.63 -2.50 -3.15
N LEU A 158 20.77 -1.53 -2.85
CA LEU A 158 21.22 -0.19 -2.57
C LEU A 158 21.85 0.01 -1.20
N GLY A 159 21.43 -0.80 -0.22
CA GLY A 159 21.97 -0.68 1.12
C GLY A 159 20.87 -0.59 2.17
N VAL A 160 20.59 0.62 2.62
CA VAL A 160 19.55 0.84 3.62
C VAL A 160 18.27 1.42 2.99
N VAL A 161 17.18 0.67 3.08
CA VAL A 161 15.88 1.10 2.55
C VAL A 161 14.95 1.54 3.69
N ALA A 162 14.32 2.69 3.55
CA ALA A 162 13.37 3.16 4.54
C ALA A 162 11.97 2.79 4.06
N ALA A 163 11.22 2.06 4.88
CA ALA A 163 9.87 1.65 4.51
C ALA A 163 8.90 2.41 5.40
N ILE A 164 8.12 3.31 4.81
CA ILE A 164 7.15 4.12 5.54
C ILE A 164 5.79 3.58 5.15
N THR A 165 4.97 3.28 6.15
CA THR A 165 3.69 2.64 5.87
C THR A 165 2.45 3.36 6.38
N PRO A 166 1.31 3.14 5.72
CA PRO A 166 0.02 3.77 6.07
C PRO A 166 -0.75 3.01 7.15
N PHE A 167 -1.89 3.55 7.55
CA PHE A 167 -2.68 2.91 8.59
C PHE A 167 -3.62 1.83 8.06
N ASN A 168 -4.11 1.97 6.83
CA ASN A 168 -5.08 1.00 6.34
C ASN A 168 -4.64 -0.45 6.09
N TYR A 169 -3.34 -0.70 6.10
CA TYR A 169 -2.80 -2.07 5.93
C TYR A 169 -1.55 -2.19 6.76
N PRO A 170 -1.66 -1.88 8.06
CA PRO A 170 -0.57 -1.91 9.02
C PRO A 170 0.31 -3.14 8.97
N LEU A 171 -0.26 -4.31 8.71
CA LEU A 171 0.55 -5.52 8.65
C LEU A 171 1.11 -5.87 7.26
N PHE A 172 0.23 -5.98 6.28
CA PHE A 172 0.71 -6.35 4.96
C PHE A 172 1.75 -5.42 4.35
N ASP A 173 1.51 -4.11 4.40
CA ASP A 173 2.44 -3.17 3.81
C ASP A 173 3.84 -3.25 4.41
N ALA A 174 3.94 -3.44 5.73
CA ALA A 174 5.26 -3.53 6.35
C ALA A 174 5.95 -4.83 5.94
N VAL A 175 5.20 -5.93 5.93
CA VAL A 175 5.78 -7.23 5.56
C VAL A 175 6.19 -7.24 4.08
N ASN A 176 5.37 -6.61 3.26
CA ASN A 176 5.63 -6.54 1.81
C ASN A 176 6.93 -5.78 1.52
N LYS A 177 7.05 -4.59 2.11
CA LYS A 177 8.21 -3.75 1.90
C LYS A 177 9.47 -4.38 2.47
N ILE A 178 9.33 -5.03 3.62
CA ILE A 178 10.46 -5.69 4.25
C ILE A 178 10.89 -6.85 3.38
N THR A 179 9.91 -7.57 2.86
CA THR A 179 10.22 -8.73 2.03
C THR A 179 11.00 -8.35 0.77
N TYR A 180 10.46 -7.43 -0.04
CA TYR A 180 11.18 -7.12 -1.27
C TYR A 180 12.49 -6.40 -1.04
N SER A 181 12.59 -5.62 0.03
CA SER A 181 13.87 -4.99 0.29
C SER A 181 14.94 -5.99 0.73
N PHE A 182 14.56 -6.94 1.58
CA PHE A 182 15.49 -7.94 2.12
C PHE A 182 15.89 -9.05 1.18
N ILE A 183 14.95 -9.54 0.39
CA ILE A 183 15.28 -10.63 -0.52
C ILE A 183 16.45 -10.32 -1.47
N TYR A 184 16.65 -9.04 -1.79
CA TYR A 184 17.75 -8.65 -2.69
C TYR A 184 19.02 -8.23 -1.95
N GLY A 185 18.98 -8.28 -0.63
CA GLY A 185 20.15 -7.96 0.15
C GLY A 185 20.23 -6.63 0.85
N ASN A 186 19.10 -5.95 1.03
CA ASN A 186 19.10 -4.66 1.73
C ASN A 186 18.75 -4.78 3.22
N ALA A 187 19.12 -3.76 3.99
CA ALA A 187 18.81 -3.63 5.40
C ALA A 187 17.57 -2.73 5.32
N VAL A 188 16.75 -2.68 6.37
CA VAL A 188 15.53 -1.90 6.34
C VAL A 188 15.13 -1.22 7.64
N VAL A 189 14.65 0.01 7.52
CA VAL A 189 14.16 0.79 8.65
C VAL A 189 12.68 0.88 8.37
N VAL A 190 11.86 0.37 9.28
CA VAL A 190 10.42 0.44 9.11
C VAL A 190 9.86 1.53 10.00
N LYS A 191 8.99 2.35 9.42
CA LYS A 191 8.35 3.43 10.17
C LYS A 191 6.88 3.29 9.86
N PRO A 192 6.13 2.60 10.74
CA PRO A 192 4.70 2.36 10.60
C PRO A 192 3.89 3.56 11.02
N SER A 193 2.60 3.55 10.69
CA SER A 193 1.73 4.64 11.11
C SER A 193 1.67 4.65 12.65
N ILE A 194 1.69 5.82 13.24
CA ILE A 194 1.65 5.90 14.68
C ILE A 194 0.25 5.52 15.19
N SER A 195 -0.71 5.40 14.28
CA SER A 195 -2.10 5.04 14.62
C SER A 195 -2.29 3.57 14.94
N ASP A 196 -1.59 2.71 14.19
CA ASP A 196 -1.67 1.28 14.41
C ASP A 196 -0.32 0.62 14.13
N PRO A 197 0.69 0.96 14.95
CA PRO A 197 2.05 0.44 14.84
C PRO A 197 2.25 -0.95 15.41
N LEU A 198 1.20 -1.50 16.01
CA LEU A 198 1.25 -2.81 16.65
C LEU A 198 1.45 -4.03 15.74
N PRO A 199 0.74 -4.09 14.62
CA PRO A 199 0.96 -5.26 13.75
C PRO A 199 2.41 -5.32 13.23
N ALA A 200 3.03 -4.17 13.03
CA ALA A 200 4.41 -4.09 12.54
C ALA A 200 5.40 -4.63 13.56
N ALA A 201 5.18 -4.28 14.83
CA ALA A 201 6.03 -4.76 15.90
C ALA A 201 5.96 -6.29 15.93
N MET A 202 4.78 -6.84 15.76
CA MET A 202 4.59 -8.30 15.77
C MET A 202 5.24 -8.99 14.57
N ALA A 203 5.23 -8.31 13.42
CA ALA A 203 5.80 -8.89 12.21
C ALA A 203 7.31 -8.92 12.32
N VAL A 204 7.89 -7.82 12.79
CA VAL A 204 9.32 -7.71 12.96
C VAL A 204 9.88 -8.77 13.92
N LYS A 205 9.25 -8.91 15.09
CA LYS A 205 9.66 -9.93 16.07
C LYS A 205 9.63 -11.31 15.41
N ALA A 206 8.57 -11.61 14.67
CA ALA A 206 8.50 -12.89 13.99
C ALA A 206 9.70 -13.08 13.02
N LEU A 207 10.08 -12.00 12.35
CA LEU A 207 11.20 -12.05 11.39
C LEU A 207 12.49 -12.28 12.16
N LEU A 208 12.64 -11.58 13.27
CA LEU A 208 13.82 -11.73 14.10
C LEU A 208 13.88 -13.17 14.66
N ASP A 209 12.73 -13.72 15.04
CA ASP A 209 12.74 -15.09 15.56
C ASP A 209 13.09 -16.05 14.45
N ALA A 210 12.78 -15.66 13.21
CA ALA A 210 13.05 -16.54 12.08
C ALA A 210 14.50 -16.49 11.59
N GLY A 211 15.32 -15.59 12.14
CA GLY A 211 16.71 -15.52 11.72
C GLY A 211 17.13 -14.24 10.98
N PHE A 212 16.21 -13.31 10.82
CA PHE A 212 16.53 -12.06 10.14
C PHE A 212 17.70 -11.40 10.82
N PRO A 213 18.81 -11.15 10.10
CA PRO A 213 20.01 -10.52 10.65
C PRO A 213 19.55 -9.41 11.61
N PRO A 214 19.81 -9.56 12.92
CA PRO A 214 19.41 -8.58 13.93
C PRO A 214 19.88 -7.16 13.77
N ASP A 215 21.02 -6.94 13.13
CA ASP A 215 21.46 -5.57 12.91
C ASP A 215 21.05 -5.03 11.51
N ALA A 216 20.23 -5.78 10.78
CA ALA A 216 19.78 -5.39 9.43
C ALA A 216 18.33 -4.87 9.37
N ILE A 217 17.66 -4.78 10.52
CA ILE A 217 16.29 -4.27 10.52
C ILE A 217 16.05 -3.38 11.71
N ALA A 218 15.13 -2.44 11.54
CA ALA A 218 14.79 -1.50 12.59
C ALA A 218 13.31 -1.15 12.48
N LEU A 219 12.69 -0.87 13.63
CA LEU A 219 11.29 -0.51 13.67
C LEU A 219 11.24 0.68 14.59
N LEU A 220 10.98 1.85 14.04
CA LEU A 220 10.95 3.08 14.82
C LEU A 220 9.56 3.68 14.94
N ASN A 221 9.08 3.83 16.18
CA ASN A 221 7.77 4.42 16.44
C ASN A 221 7.92 5.93 16.51
N LEU A 222 8.03 6.56 15.34
CA LEU A 222 8.17 8.01 15.25
C LEU A 222 6.89 8.59 14.68
N PRO A 223 6.37 9.67 15.30
CA PRO A 223 5.15 10.28 14.80
C PRO A 223 5.41 11.23 13.64
N GLY A 224 4.59 11.13 12.60
CA GLY A 224 4.71 12.00 11.43
C GLY A 224 6.05 12.58 11.07
N LYS A 225 6.22 13.88 11.29
CA LYS A 225 7.46 14.57 10.93
C LYS A 225 8.73 14.18 11.67
N GLU A 226 8.59 13.29 12.64
CA GLU A 226 9.75 12.81 13.38
C GLU A 226 10.53 11.88 12.46
N ALA A 227 9.83 11.33 11.48
CA ALA A 227 10.45 10.41 10.53
C ALA A 227 11.28 11.13 9.47
N GLU A 228 11.02 12.42 9.30
CA GLU A 228 11.76 13.21 8.31
C GLU A 228 13.26 13.05 8.46
N LYS A 229 13.75 12.97 9.70
CA LYS A 229 15.18 12.82 9.93
C LYS A 229 15.75 11.49 9.38
N ILE A 230 14.86 10.52 9.13
CA ILE A 230 15.30 9.24 8.57
C ILE A 230 15.36 9.39 7.04
N VAL A 231 14.29 9.93 6.48
CA VAL A 231 14.19 10.12 5.05
C VAL A 231 15.32 11.04 4.51
N ALA A 232 15.66 12.07 5.27
CA ALA A 232 16.67 13.05 4.88
C ALA A 232 18.11 12.62 5.04
N ASP A 233 18.33 11.51 5.72
CA ASP A 233 19.67 11.01 5.98
C ASP A 233 20.33 10.31 4.78
N ASP A 234 21.59 10.65 4.53
CA ASP A 234 22.33 10.08 3.40
C ASP A 234 22.58 8.60 3.46
N ARG A 235 22.45 7.98 4.63
CA ARG A 235 22.65 6.54 4.72
C ARG A 235 21.43 5.80 4.23
N VAL A 236 20.32 6.51 4.05
CA VAL A 236 19.10 5.88 3.53
C VAL A 236 19.14 6.08 2.01
N ALA A 237 19.40 5.00 1.30
CA ALA A 237 19.54 5.05 -0.17
C ALA A 237 18.23 4.96 -0.93
N ALA A 238 17.15 4.57 -0.26
CA ALA A 238 15.87 4.44 -0.93
C ALA A 238 14.77 4.58 0.07
N VAL A 239 13.66 5.11 -0.40
CA VAL A 239 12.50 5.32 0.43
C VAL A 239 11.30 4.72 -0.30
N SER A 240 10.66 3.75 0.34
CA SER A 240 9.47 3.10 -0.19
C SER A 240 8.33 3.64 0.70
N PHE A 241 7.49 4.48 0.11
CA PHE A 241 6.41 5.16 0.80
C PHE A 241 5.03 4.88 0.24
N THR A 242 4.12 4.56 1.14
CA THR A 242 2.73 4.32 0.79
C THR A 242 2.00 5.24 1.75
N GLY A 243 1.14 6.10 1.21
CA GLY A 243 0.40 7.05 2.00
C GLY A 243 -0.32 8.09 1.14
N SER A 244 -0.60 9.26 1.70
CA SER A 244 -1.28 10.31 0.97
C SER A 244 -0.34 11.12 0.08
N THR A 245 -0.92 11.70 -0.96
CA THR A 245 -0.21 12.52 -1.92
C THR A 245 0.58 13.61 -1.22
N GLU A 246 -0.06 14.28 -0.27
CA GLU A 246 0.56 15.36 0.48
C GLU A 246 1.82 15.00 1.27
N VAL A 247 1.78 13.90 1.99
CA VAL A 247 2.96 13.50 2.77
C VAL A 247 4.05 13.02 1.83
N GLY A 248 3.64 12.31 0.79
CA GLY A 248 4.59 11.85 -0.20
C GLY A 248 5.40 13.02 -0.74
N GLU A 249 4.70 14.11 -1.07
CA GLU A 249 5.38 15.29 -1.60
C GLU A 249 6.39 15.82 -0.60
N ARG A 250 6.00 15.86 0.68
CA ARG A 250 6.87 16.34 1.73
C ARG A 250 8.09 15.41 1.87
N VAL A 251 7.85 14.11 1.74
CA VAL A 251 8.92 13.12 1.87
C VAL A 251 10.02 13.31 0.81
N VAL A 252 9.62 13.47 -0.46
CA VAL A 252 10.63 13.65 -1.49
C VAL A 252 11.41 14.97 -1.29
N LYS A 253 10.70 16.02 -0.93
CA LYS A 253 11.33 17.33 -0.72
C LYS A 253 12.32 17.31 0.42
N VAL A 254 12.08 16.43 1.38
CA VAL A 254 12.97 16.29 2.52
C VAL A 254 14.09 15.35 2.11
N GLY A 255 13.73 14.33 1.36
CA GLY A 255 14.71 13.34 0.94
C GLY A 255 15.72 13.80 -0.09
N GLY A 256 15.28 14.57 -1.09
CA GLY A 256 16.21 15.00 -2.11
C GLY A 256 16.44 13.81 -3.02
N VAL A 257 17.62 13.73 -3.64
CA VAL A 257 17.97 12.65 -4.56
C VAL A 257 18.17 11.29 -3.88
N LYS A 258 17.40 10.29 -4.33
CA LYS A 258 17.45 8.89 -3.81
C LYS A 258 16.46 8.16 -4.69
N GLN A 259 16.40 6.83 -4.56
CA GLN A 259 15.41 6.04 -5.30
C GLN A 259 14.10 6.07 -4.50
N TYR A 260 12.98 6.26 -5.18
CA TYR A 260 11.70 6.33 -4.51
C TYR A 260 10.66 5.44 -5.13
N VAL A 261 9.76 4.88 -4.30
CA VAL A 261 8.61 4.17 -4.85
C VAL A 261 7.54 4.94 -4.08
N MET A 262 6.65 5.65 -4.78
CA MET A 262 5.63 6.42 -4.10
C MET A 262 4.25 5.94 -4.50
N GLU A 263 3.58 5.24 -3.57
CA GLU A 263 2.23 4.73 -3.81
C GLU A 263 1.39 5.74 -3.05
N LEU A 264 0.79 6.68 -3.78
CA LEU A 264 0.03 7.76 -3.16
C LEU A 264 -1.49 7.65 -3.27
N GLY A 265 -1.99 6.46 -3.58
CA GLY A 265 -3.42 6.25 -3.64
C GLY A 265 -4.32 7.25 -4.38
N GLY A 266 -5.43 7.62 -3.73
CA GLY A 266 -6.44 8.49 -4.31
C GLY A 266 -7.48 7.43 -4.60
N GLY A 267 -8.64 7.75 -5.13
CA GLY A 267 -9.53 6.61 -5.34
C GLY A 267 -9.48 6.10 -6.77
N ASP A 268 -10.40 5.22 -7.12
CA ASP A 268 -10.47 4.69 -8.45
C ASP A 268 -11.87 4.86 -9.06
N PRO A 269 -11.92 5.08 -10.39
CA PRO A 269 -13.19 5.23 -11.08
C PRO A 269 -13.50 3.86 -11.65
N ALA A 270 -14.77 3.56 -11.83
CA ALA A 270 -15.18 2.29 -12.42
C ALA A 270 -16.16 2.63 -13.56
N ILE A 271 -15.98 2.01 -14.71
CA ILE A 271 -16.80 2.28 -15.87
C ILE A 271 -17.63 1.09 -16.28
N VAL A 272 -18.92 1.31 -16.55
CA VAL A 272 -19.81 0.23 -16.96
C VAL A 272 -20.41 0.49 -18.33
N LEU A 273 -20.08 -0.38 -19.27
CA LEU A 273 -20.55 -0.26 -20.64
C LEU A 273 -21.90 -0.98 -20.76
N GLU A 274 -22.72 -0.55 -21.72
CA GLU A 274 -24.04 -1.15 -21.95
C GLU A 274 -23.88 -2.64 -22.15
N ASP A 275 -22.62 -3.02 -22.27
CA ASP A 275 -22.16 -4.38 -22.52
C ASP A 275 -22.08 -5.30 -21.30
N ALA A 276 -21.79 -4.70 -20.17
CA ALA A 276 -21.57 -5.41 -18.92
C ALA A 276 -22.64 -6.33 -18.32
N ASP A 277 -22.15 -7.35 -17.62
CA ASP A 277 -23.02 -8.25 -16.89
C ASP A 277 -23.25 -7.35 -15.69
N LEU A 278 -24.46 -6.81 -15.56
CA LEU A 278 -24.72 -5.88 -14.46
C LEU A 278 -24.71 -6.53 -13.07
N ASP A 279 -24.98 -7.83 -13.02
CA ASP A 279 -24.97 -8.53 -11.73
C ASP A 279 -23.56 -8.57 -11.19
N LEU A 280 -22.62 -8.95 -12.04
CA LEU A 280 -21.20 -8.98 -11.66
C LEU A 280 -20.76 -7.57 -11.30
N ALA A 281 -21.09 -6.63 -12.18
CA ALA A 281 -20.71 -5.23 -11.98
C ALA A 281 -21.23 -4.64 -10.69
N ALA A 282 -22.53 -4.80 -10.46
CA ALA A 282 -23.16 -4.26 -9.25
C ALA A 282 -22.46 -4.84 -8.01
N ASP A 283 -22.27 -6.15 -8.03
CA ASP A 283 -21.64 -6.87 -6.94
C ASP A 283 -20.23 -6.36 -6.67
N LYS A 284 -19.38 -6.37 -7.70
CA LYS A 284 -18.01 -5.89 -7.57
C LYS A 284 -17.94 -4.43 -7.21
N ILE A 285 -18.78 -3.60 -7.83
CA ILE A 285 -18.70 -2.17 -7.50
C ILE A 285 -19.12 -1.88 -6.06
N ALA A 286 -20.19 -2.54 -5.61
CA ALA A 286 -20.63 -2.35 -4.22
C ALA A 286 -19.47 -2.69 -3.28
N ARG A 287 -18.84 -3.85 -3.51
CA ARG A 287 -17.70 -4.25 -2.68
C ARG A 287 -16.59 -3.22 -2.74
N GLY A 288 -16.26 -2.75 -3.95
CA GLY A 288 -15.20 -1.77 -4.06
C GLY A 288 -15.47 -0.49 -3.32
N ILE A 289 -16.75 -0.16 -3.20
CA ILE A 289 -17.13 1.05 -2.48
C ILE A 289 -17.01 0.91 -0.95
N TYR A 290 -17.51 -0.20 -0.40
CA TYR A 290 -17.50 -0.35 1.07
C TYR A 290 -16.38 -1.10 1.80
N SER A 291 -15.67 -2.02 1.11
CA SER A 291 -14.62 -2.77 1.81
C SER A 291 -13.77 -1.93 2.75
N TYR A 292 -13.63 -2.46 3.96
CA TYR A 292 -12.89 -1.84 5.04
C TYR A 292 -13.33 -0.40 5.21
N ALA A 293 -14.62 -0.17 4.99
CA ALA A 293 -15.19 1.17 5.14
C ALA A 293 -14.50 2.16 4.20
N GLY A 294 -14.27 1.69 2.96
CA GLY A 294 -13.63 2.48 1.94
C GLY A 294 -12.21 2.96 2.22
N GLN A 295 -11.60 2.45 3.29
CA GLN A 295 -10.26 2.86 3.64
C GLN A 295 -9.23 2.04 2.88
N ARG A 296 -9.42 2.01 1.56
CA ARG A 296 -8.52 1.31 0.67
C ARG A 296 -8.14 2.27 -0.47
N CYS A 297 -6.85 2.30 -0.78
CA CYS A 297 -6.36 3.16 -1.85
C CYS A 297 -7.06 2.82 -3.16
N ASP A 298 -7.37 1.53 -3.36
CA ASP A 298 -8.04 1.06 -4.55
C ASP A 298 -9.57 0.97 -4.41
N ALA A 299 -10.12 1.76 -3.50
CA ALA A 299 -11.58 1.80 -3.30
C ALA A 299 -12.22 2.55 -4.49
N ILE A 300 -13.42 2.11 -4.88
CA ILE A 300 -14.15 2.76 -5.94
C ILE A 300 -14.77 4.06 -5.39
N LYS A 301 -14.46 5.19 -6.01
CA LYS A 301 -14.93 6.51 -5.60
C LYS A 301 -15.89 7.15 -6.58
N LEU A 302 -15.98 6.58 -7.76
CA LEU A 302 -16.81 7.13 -8.83
C LEU A 302 -17.26 6.03 -9.76
N VAL A 303 -18.53 6.02 -10.10
CA VAL A 303 -19.06 5.01 -11.00
C VAL A 303 -19.61 5.73 -12.22
N LEU A 304 -19.21 5.29 -13.41
CA LEU A 304 -19.64 5.90 -14.65
C LEU A 304 -20.29 4.82 -15.46
N ALA A 305 -21.58 4.98 -15.73
CA ALA A 305 -22.30 3.98 -16.51
C ALA A 305 -23.07 4.59 -17.68
N GLU A 306 -22.99 3.92 -18.83
CA GLU A 306 -23.68 4.38 -20.03
C GLU A 306 -25.20 4.41 -19.85
N ARG A 307 -25.86 5.33 -20.55
CA ARG A 307 -27.31 5.53 -20.49
C ARG A 307 -28.19 4.30 -20.27
N PRO A 308 -28.15 3.34 -21.18
CA PRO A 308 -28.96 2.13 -21.07
C PRO A 308 -28.82 1.17 -19.88
N VAL A 309 -27.77 1.30 -19.07
CA VAL A 309 -27.62 0.40 -17.93
C VAL A 309 -27.50 1.22 -16.65
N TYR A 310 -27.35 2.52 -16.80
CA TYR A 310 -27.20 3.37 -15.61
C TYR A 310 -28.28 3.11 -14.57
N GLY A 311 -29.54 3.08 -15.01
CA GLY A 311 -30.65 2.85 -14.11
C GLY A 311 -30.54 1.59 -13.27
N LYS A 312 -30.52 0.43 -13.94
CA LYS A 312 -30.41 -0.85 -13.25
C LYS A 312 -29.17 -0.96 -12.37
N LEU A 313 -28.02 -0.59 -12.93
CA LEU A 313 -26.75 -0.65 -12.23
C LEU A 313 -26.75 0.13 -10.94
N VAL A 314 -27.12 1.39 -10.99
CA VAL A 314 -27.11 2.21 -9.80
C VAL A 314 -28.11 1.75 -8.75
N GLU A 315 -29.20 1.18 -9.24
CA GLU A 315 -30.29 0.67 -8.41
C GLU A 315 -29.80 -0.57 -7.64
N GLU A 316 -29.10 -1.47 -8.35
CA GLU A 316 -28.55 -2.67 -7.73
C GLU A 316 -27.48 -2.38 -6.68
N VAL A 317 -26.60 -1.43 -6.98
CA VAL A 317 -25.53 -1.07 -6.06
C VAL A 317 -26.09 -0.46 -4.81
N ALA A 318 -27.10 0.40 -4.98
CA ALA A 318 -27.75 1.08 -3.84
C ALA A 318 -28.33 0.03 -2.89
N LYS A 319 -29.05 -0.93 -3.46
CA LYS A 319 -29.66 -2.00 -2.68
C LYS A 319 -28.57 -2.73 -1.88
N ARG A 320 -27.51 -3.14 -2.58
CA ARG A 320 -26.43 -3.83 -1.90
C ARG A 320 -25.77 -3.00 -0.80
N LEU A 321 -25.59 -1.71 -1.02
CA LEU A 321 -24.95 -0.89 0.00
C LEU A 321 -25.83 -0.71 1.23
N SER A 322 -27.12 -0.49 1.02
CA SER A 322 -27.98 -0.26 2.15
C SER A 322 -28.29 -1.55 2.92
N SER A 323 -28.11 -2.71 2.27
CA SER A 323 -28.38 -3.97 2.96
C SER A 323 -27.13 -4.47 3.68
N LEU A 324 -26.28 -3.56 4.12
CA LEU A 324 -25.06 -3.90 4.82
C LEU A 324 -25.28 -3.71 6.32
N ARG A 325 -24.34 -4.19 7.15
CA ARG A 325 -24.44 -4.05 8.60
C ARG A 325 -23.20 -3.37 9.21
N VAL A 326 -23.41 -2.26 9.91
CA VAL A 326 -22.30 -1.53 10.52
C VAL A 326 -22.05 -2.00 11.97
N GLY A 327 -21.35 -1.19 12.78
CA GLY A 327 -21.09 -1.57 14.16
C GLY A 327 -19.68 -2.03 14.57
N ASP A 328 -19.61 -3.11 15.36
CA ASP A 328 -18.34 -3.69 15.83
C ASP A 328 -17.85 -4.75 14.86
N PRO A 329 -16.57 -4.65 14.44
CA PRO A 329 -15.89 -5.55 13.51
C PRO A 329 -15.82 -7.04 13.84
N ARG A 330 -16.26 -7.40 15.04
CA ARG A 330 -16.23 -8.78 15.50
C ARG A 330 -17.32 -9.76 14.96
N ASP A 331 -18.58 -9.32 14.88
CA ASP A 331 -19.65 -10.19 14.39
C ASP A 331 -19.41 -10.51 12.92
N PRO A 332 -18.97 -11.73 12.60
CA PRO A 332 -18.73 -12.09 11.19
C PRO A 332 -19.97 -11.84 10.34
N THR A 333 -21.04 -11.42 11.02
CA THR A 333 -22.33 -11.09 10.43
C THR A 333 -22.30 -9.62 9.97
N VAL A 334 -21.46 -8.84 10.65
CA VAL A 334 -21.24 -7.42 10.34
C VAL A 334 -20.48 -7.28 9.01
N ASP A 335 -20.73 -6.19 8.29
CA ASP A 335 -20.05 -5.99 7.03
C ASP A 335 -19.06 -4.83 7.08
N VAL A 336 -19.38 -3.78 7.85
CA VAL A 336 -18.54 -2.59 7.93
C VAL A 336 -18.24 -2.11 9.34
N GLY A 337 -16.97 -1.97 9.68
CA GLY A 337 -16.61 -1.52 11.00
C GLY A 337 -16.49 -0.01 11.01
N PRO A 338 -15.74 0.55 11.96
CA PRO A 338 -15.55 2.00 12.06
C PRO A 338 -14.42 2.53 11.15
N LEU A 339 -14.31 3.85 11.10
CA LEU A 339 -13.30 4.55 10.33
C LEU A 339 -12.22 4.88 11.36
N ILE A 340 -10.98 4.99 10.91
CA ILE A 340 -9.86 5.21 11.81
C ILE A 340 -9.97 6.34 12.82
N SER A 341 -10.69 7.41 12.48
CA SER A 341 -10.84 8.54 13.39
C SER A 341 -12.16 9.26 13.17
N PRO A 342 -12.68 9.94 14.22
CA PRO A 342 -13.95 10.65 14.02
C PRO A 342 -13.75 11.76 12.98
N SER A 343 -12.52 12.26 12.92
CA SER A 343 -12.12 13.29 11.98
C SER A 343 -12.39 12.83 10.54
N ALA A 344 -12.15 11.55 10.27
CA ALA A 344 -12.35 11.00 8.95
C ALA A 344 -13.83 10.96 8.59
N VAL A 345 -14.68 10.77 9.60
CA VAL A 345 -16.13 10.71 9.36
C VAL A 345 -16.64 12.14 9.13
N ASP A 346 -16.07 13.11 9.85
CA ASP A 346 -16.46 14.49 9.67
C ASP A 346 -16.25 14.88 8.21
N GLU A 347 -15.05 14.60 7.70
CA GLU A 347 -14.71 14.92 6.32
C GLU A 347 -15.68 14.31 5.35
N MET A 348 -16.11 13.08 5.63
CA MET A 348 -17.04 12.40 4.75
C MET A 348 -18.40 13.09 4.72
N MET A 349 -18.92 13.45 5.89
CA MET A 349 -20.22 14.10 5.98
C MET A 349 -20.21 15.45 5.25
N ALA A 350 -19.16 16.23 5.47
CA ALA A 350 -19.01 17.52 4.82
C ALA A 350 -18.92 17.35 3.31
N ALA A 351 -18.34 16.23 2.86
CA ALA A 351 -18.22 16.00 1.43
C ALA A 351 -19.54 15.61 0.82
N ILE A 352 -20.41 15.00 1.62
CA ILE A 352 -21.71 14.59 1.12
C ILE A 352 -22.62 15.82 0.99
N GLU A 353 -22.55 16.73 1.95
CA GLU A 353 -23.37 17.91 1.87
C GLU A 353 -22.95 18.71 0.65
N ASP A 354 -21.65 18.86 0.46
CA ASP A 354 -21.11 19.59 -0.69
C ASP A 354 -21.70 19.07 -1.99
N ALA A 355 -21.70 17.75 -2.14
CA ALA A 355 -22.23 17.15 -3.35
C ALA A 355 -23.72 17.47 -3.50
N VAL A 356 -24.45 17.42 -2.38
CA VAL A 356 -25.88 17.69 -2.38
C VAL A 356 -26.14 19.15 -2.77
N GLU A 357 -25.35 20.06 -2.21
CA GLU A 357 -25.47 21.48 -2.50
C GLU A 357 -25.22 21.75 -3.98
N LYS A 358 -24.36 20.95 -4.59
CA LYS A 358 -24.04 21.14 -5.99
C LYS A 358 -24.90 20.29 -6.91
N GLY A 359 -26.04 19.85 -6.39
CA GLY A 359 -26.96 19.08 -7.22
C GLY A 359 -26.91 17.58 -7.04
N GLY A 360 -26.09 17.11 -6.10
CA GLY A 360 -26.00 15.68 -5.87
C GLY A 360 -27.16 15.17 -5.06
N ARG A 361 -27.52 13.90 -5.25
CA ARG A 361 -28.60 13.28 -4.51
C ARG A 361 -28.17 11.93 -3.94
N VAL A 362 -28.37 11.75 -2.63
CA VAL A 362 -28.02 10.49 -1.98
C VAL A 362 -28.94 9.36 -2.43
N LEU A 363 -28.34 8.24 -2.84
CA LEU A 363 -29.11 7.08 -3.28
C LEU A 363 -29.05 5.96 -2.23
N ALA A 364 -28.12 6.06 -1.29
CA ALA A 364 -27.95 5.06 -0.24
C ALA A 364 -27.06 5.61 0.85
N GLY A 365 -27.40 5.33 2.11
CA GLY A 365 -26.60 5.80 3.22
C GLY A 365 -26.79 7.27 3.54
N GLY A 366 -25.68 7.93 3.91
CA GLY A 366 -25.72 9.33 4.24
C GLY A 366 -25.86 9.60 5.72
N ARG A 367 -26.15 8.55 6.48
CA ARG A 367 -26.34 8.71 7.90
C ARG A 367 -25.16 8.32 8.75
N ARG A 368 -24.75 9.27 9.60
CA ARG A 368 -23.66 9.04 10.53
C ARG A 368 -24.25 8.24 11.69
N LEU A 369 -23.51 7.25 12.19
CA LEU A 369 -24.01 6.42 13.27
C LEU A 369 -23.28 6.64 14.57
N GLY A 370 -22.13 7.29 14.53
CA GLY A 370 -21.37 7.54 15.74
C GLY A 370 -20.10 8.34 15.46
N PRO A 371 -19.25 8.60 16.47
CA PRO A 371 -18.02 9.36 16.24
C PRO A 371 -17.16 8.71 15.14
N THR A 372 -17.15 7.39 15.08
CA THR A 372 -16.37 6.73 14.06
C THR A 372 -17.18 5.78 13.22
N TYR A 373 -18.50 5.96 13.17
CA TYR A 373 -19.33 5.08 12.37
C TYR A 373 -20.21 5.81 11.36
N VAL A 374 -20.35 5.23 10.17
CA VAL A 374 -21.17 5.82 9.12
C VAL A 374 -21.66 4.76 8.17
N GLN A 375 -22.75 5.05 7.47
CA GLN A 375 -23.28 4.11 6.50
C GLN A 375 -22.58 4.30 5.16
N PRO A 376 -22.34 3.20 4.42
CA PRO A 376 -21.69 3.32 3.11
C PRO A 376 -22.62 4.21 2.26
N THR A 377 -22.08 5.26 1.64
CA THR A 377 -22.93 6.17 0.86
C THR A 377 -22.67 6.24 -0.65
N PHE A 378 -23.77 6.24 -1.40
CA PHE A 378 -23.76 6.31 -2.86
C PHE A 378 -24.53 7.59 -3.30
N VAL A 379 -23.81 8.55 -3.87
CA VAL A 379 -24.40 9.82 -4.29
C VAL A 379 -24.50 10.01 -5.80
N GLU A 380 -25.73 10.20 -6.29
CA GLU A 380 -25.95 10.41 -7.71
C GLU A 380 -25.59 11.85 -8.02
N ALA A 381 -25.04 12.09 -9.22
CA ALA A 381 -24.63 13.43 -9.61
C ALA A 381 -24.64 13.62 -11.12
N PRO A 382 -25.14 14.78 -11.58
CA PRO A 382 -25.18 15.06 -13.02
C PRO A 382 -23.76 15.36 -13.53
N ALA A 383 -23.44 14.83 -14.71
CA ALA A 383 -22.12 15.03 -15.31
C ALA A 383 -21.69 16.52 -15.34
N ASP A 384 -22.62 17.40 -15.67
CA ASP A 384 -22.33 18.83 -15.76
C ASP A 384 -22.04 19.53 -14.43
N ARG A 385 -22.05 18.80 -13.32
CA ARG A 385 -21.76 19.44 -12.05
C ARG A 385 -20.82 18.68 -11.12
N VAL A 386 -20.57 17.42 -11.46
CA VAL A 386 -19.73 16.55 -10.63
C VAL A 386 -18.29 17.02 -10.47
N LYS A 387 -17.67 17.50 -11.54
CA LYS A 387 -16.28 17.95 -11.49
C LYS A 387 -15.93 18.95 -10.42
N ASP A 388 -16.90 19.70 -9.92
CA ASP A 388 -16.56 20.68 -8.88
C ASP A 388 -16.86 20.17 -7.47
N MET A 389 -17.41 18.96 -7.37
CA MET A 389 -17.74 18.38 -6.06
C MET A 389 -16.51 17.84 -5.36
N VAL A 390 -16.39 18.12 -4.06
CA VAL A 390 -15.27 17.64 -3.26
C VAL A 390 -15.04 16.13 -3.43
N LEU A 391 -16.12 15.35 -3.44
CA LEU A 391 -16.01 13.90 -3.61
C LEU A 391 -15.29 13.50 -4.90
N TYR A 392 -15.32 14.39 -5.89
CA TYR A 392 -14.68 14.12 -7.16
C TYR A 392 -13.24 14.63 -7.19
N LYS A 393 -13.04 15.86 -6.75
CA LYS A 393 -11.73 16.50 -6.77
C LYS A 393 -10.74 16.00 -5.74
N ARG A 394 -11.25 15.34 -4.71
CA ARG A 394 -10.38 14.83 -3.65
C ARG A 394 -10.65 13.37 -3.41
N GLU A 395 -9.84 12.80 -2.53
CA GLU A 395 -10.03 11.43 -2.13
C GLU A 395 -10.61 11.56 -0.71
N VAL A 396 -11.86 11.18 -0.53
CA VAL A 396 -12.45 11.21 0.81
C VAL A 396 -12.34 9.75 1.29
N PHE A 397 -11.34 9.50 2.14
CA PHE A 397 -11.05 8.15 2.62
C PHE A 397 -12.19 7.65 3.51
N ALA A 398 -13.18 7.04 2.88
CA ALA A 398 -14.37 6.61 3.57
C ALA A 398 -15.20 5.80 2.60
N PRO A 399 -16.28 5.17 3.08
CA PRO A 399 -17.12 4.37 2.17
C PRO A 399 -18.12 5.28 1.46
N VAL A 400 -17.67 5.92 0.39
CA VAL A 400 -18.51 6.84 -0.34
C VAL A 400 -18.07 6.99 -1.78
N ALA A 401 -19.03 6.88 -2.69
CA ALA A 401 -18.74 7.02 -4.11
C ALA A 401 -19.84 7.82 -4.82
N LEU A 402 -19.49 8.38 -5.98
CA LEU A 402 -20.42 9.15 -6.81
C LEU A 402 -20.90 8.26 -7.93
N ALA A 403 -22.10 8.52 -8.44
CA ALA A 403 -22.64 7.76 -9.57
C ALA A 403 -22.96 8.82 -10.62
N VAL A 404 -22.52 8.61 -11.85
CA VAL A 404 -22.75 9.57 -12.92
C VAL A 404 -23.14 8.88 -14.21
N GLU A 405 -24.23 9.32 -14.81
CA GLU A 405 -24.70 8.73 -16.08
C GLU A 405 -23.92 9.40 -17.23
N VAL A 406 -23.45 8.60 -18.18
CA VAL A 406 -22.69 9.15 -19.30
C VAL A 406 -23.30 8.70 -20.62
N LYS A 407 -23.08 9.50 -21.66
CA LYS A 407 -23.60 9.22 -23.00
C LYS A 407 -22.85 8.10 -23.67
N ASP A 408 -21.53 8.08 -23.49
CA ASP A 408 -20.71 7.05 -24.11
C ASP A 408 -19.35 6.88 -23.46
N LEU A 409 -18.56 5.98 -24.02
CA LEU A 409 -17.22 5.67 -23.54
C LEU A 409 -16.32 6.90 -23.45
N ASP A 410 -16.33 7.73 -24.48
CA ASP A 410 -15.48 8.90 -24.46
C ASP A 410 -15.78 9.80 -23.28
N GLN A 411 -17.05 9.94 -22.94
CA GLN A 411 -17.36 10.79 -21.79
C GLN A 411 -16.94 10.08 -20.48
N ALA A 412 -17.13 8.77 -20.44
CA ALA A 412 -16.74 7.98 -19.27
C ALA A 412 -15.21 8.15 -19.06
N ILE A 413 -14.45 7.90 -20.14
CA ILE A 413 -13.00 8.04 -20.08
C ILE A 413 -12.60 9.45 -19.64
N GLU A 414 -13.22 10.44 -20.25
CA GLU A 414 -12.94 11.84 -19.90
C GLU A 414 -13.24 12.13 -18.43
N LEU A 415 -14.40 11.72 -17.93
CA LEU A 415 -14.70 11.96 -16.52
C LEU A 415 -13.75 11.14 -15.62
N ALA A 416 -13.47 9.90 -16.01
CA ALA A 416 -12.55 9.08 -15.20
C ALA A 416 -11.17 9.74 -15.13
N ASN A 417 -10.70 10.33 -16.25
CA ASN A 417 -9.38 10.98 -16.21
C ASN A 417 -9.42 12.37 -15.61
N GLY A 418 -10.61 12.92 -15.40
CA GLY A 418 -10.73 14.26 -14.85
C GLY A 418 -10.33 14.45 -13.40
N ARG A 419 -10.18 13.36 -12.65
CA ARG A 419 -9.79 13.48 -11.25
C ARG A 419 -8.27 13.66 -11.29
N PRO A 420 -7.68 14.21 -10.23
CA PRO A 420 -6.21 14.41 -10.20
C PRO A 420 -5.38 13.14 -9.98
N TYR A 421 -6.05 12.03 -9.65
CA TYR A 421 -5.36 10.77 -9.36
C TYR A 421 -5.30 9.85 -10.56
N GLY A 422 -4.49 8.80 -10.44
CA GLY A 422 -4.38 7.82 -11.49
C GLY A 422 -3.78 6.52 -11.00
N LEU A 423 -4.43 5.93 -9.99
CA LEU A 423 -3.96 4.68 -9.41
C LEU A 423 -4.45 3.52 -10.25
N ASP A 424 -5.73 3.18 -10.13
CA ASP A 424 -6.34 2.10 -10.92
C ASP A 424 -7.67 2.62 -11.49
N ALA A 425 -8.25 1.81 -12.36
CA ALA A 425 -9.55 2.11 -12.92
C ALA A 425 -10.12 0.73 -13.22
N ALA A 426 -11.45 0.62 -13.20
CA ALA A 426 -12.10 -0.65 -13.51
C ALA A 426 -13.01 -0.45 -14.71
N VAL A 427 -13.09 -1.46 -15.58
CA VAL A 427 -13.98 -1.36 -16.72
C VAL A 427 -14.78 -2.67 -16.86
N PHE A 428 -16.10 -2.58 -16.79
CA PHE A 428 -16.94 -3.79 -16.96
C PHE A 428 -17.60 -3.70 -18.31
N GLY A 429 -17.43 -4.74 -19.11
CA GLY A 429 -18.02 -4.75 -20.44
C GLY A 429 -17.39 -5.90 -21.17
N ARG A 430 -17.86 -6.16 -22.38
CA ARG A 430 -17.36 -7.28 -23.18
C ARG A 430 -16.64 -6.94 -24.49
N ASP A 431 -17.04 -5.86 -25.14
CA ASP A 431 -16.50 -5.47 -26.45
C ASP A 431 -14.99 -5.14 -26.48
N VAL A 432 -14.19 -5.98 -27.14
CA VAL A 432 -12.74 -5.78 -27.22
C VAL A 432 -12.26 -4.41 -27.67
N VAL A 433 -12.92 -3.84 -28.66
CA VAL A 433 -12.54 -2.52 -29.15
C VAL A 433 -12.72 -1.43 -28.10
N LYS A 434 -13.89 -1.38 -27.47
CA LYS A 434 -14.11 -0.36 -26.46
C LYS A 434 -13.18 -0.59 -25.26
N ILE A 435 -12.91 -1.85 -24.93
CA ILE A 435 -12.01 -2.15 -23.81
C ILE A 435 -10.60 -1.68 -24.18
N ARG A 436 -10.14 -2.01 -25.39
CA ARG A 436 -8.81 -1.57 -25.81
C ARG A 436 -8.67 -0.05 -25.78
N ARG A 437 -9.71 0.66 -26.21
CA ARG A 437 -9.67 2.12 -26.19
C ARG A 437 -9.54 2.61 -24.75
N ALA A 438 -10.37 2.07 -23.86
CA ALA A 438 -10.29 2.51 -22.47
C ALA A 438 -8.92 2.19 -21.88
N VAL A 439 -8.38 1.02 -22.22
CA VAL A 439 -7.06 0.64 -21.71
C VAL A 439 -5.98 1.62 -22.15
N ARG A 440 -6.06 2.07 -23.40
CA ARG A 440 -5.07 3.03 -23.89
C ARG A 440 -5.22 4.41 -23.27
N LEU A 441 -6.45 4.89 -23.16
CA LEU A 441 -6.66 6.25 -22.65
C LEU A 441 -6.82 6.52 -21.17
N LEU A 442 -7.11 5.50 -20.37
CA LEU A 442 -7.21 5.75 -18.91
C LEU A 442 -5.80 5.98 -18.38
N GLU A 443 -5.54 7.14 -17.80
CA GLU A 443 -4.20 7.41 -17.29
C GLU A 443 -4.06 6.90 -15.84
N VAL A 444 -3.81 5.59 -15.72
CA VAL A 444 -3.66 4.97 -14.40
C VAL A 444 -2.60 3.88 -14.48
N GLY A 445 -2.05 3.54 -13.31
CA GLY A 445 -1.07 2.48 -13.25
C GLY A 445 -1.65 1.12 -13.59
N ALA A 446 -2.92 0.89 -13.23
CA ALA A 446 -3.51 -0.43 -13.52
C ALA A 446 -4.99 -0.38 -13.88
N ILE A 447 -5.39 -1.21 -14.82
CA ILE A 447 -6.78 -1.25 -15.24
C ILE A 447 -7.34 -2.66 -15.01
N TYR A 448 -8.45 -2.75 -14.26
CA TYR A 448 -9.06 -4.05 -13.98
C TYR A 448 -10.25 -4.26 -14.88
N ILE A 449 -10.18 -5.29 -15.70
CA ILE A 449 -11.28 -5.59 -16.61
C ILE A 449 -12.22 -6.60 -15.97
N ASN A 450 -13.47 -6.17 -15.77
CA ASN A 450 -14.51 -7.00 -15.19
C ASN A 450 -14.27 -7.48 -13.77
N ASP A 451 -13.73 -6.60 -12.96
CA ASP A 451 -13.51 -6.92 -11.57
C ASP A 451 -13.25 -5.60 -10.88
N MET A 452 -13.43 -5.58 -9.57
CA MET A 452 -13.17 -4.37 -8.83
C MET A 452 -11.65 -4.31 -8.69
N PRO A 453 -11.09 -3.13 -8.48
CA PRO A 453 -9.64 -3.06 -8.32
C PRO A 453 -9.24 -3.70 -6.96
N ARG A 454 -8.20 -4.54 -7.00
CA ARG A 454 -7.66 -5.19 -5.80
C ARG A 454 -6.18 -5.52 -6.00
N HIS A 455 -5.31 -4.80 -5.32
CA HIS A 455 -3.89 -5.03 -5.40
C HIS A 455 -3.45 -6.37 -4.84
N GLY A 456 -4.23 -6.90 -3.88
CA GLY A 456 -3.91 -8.19 -3.30
C GLY A 456 -2.51 -8.17 -2.70
N ILE A 457 -1.70 -9.15 -3.05
CA ILE A 457 -0.34 -9.20 -2.53
C ILE A 457 0.66 -8.66 -3.55
N GLY A 458 0.16 -8.12 -4.65
CA GLY A 458 1.05 -7.58 -5.67
C GLY A 458 1.45 -8.64 -6.69
N TYR A 459 0.58 -9.62 -6.87
CA TYR A 459 0.83 -10.67 -7.84
C TYR A 459 0.99 -9.96 -9.20
N TYR A 460 0.23 -8.87 -9.39
CA TYR A 460 0.32 -8.07 -10.61
C TYR A 460 0.84 -6.73 -10.11
N PRO A 461 1.85 -6.16 -10.77
CA PRO A 461 2.39 -4.88 -10.30
C PRO A 461 1.37 -3.76 -10.31
N PHE A 462 1.49 -2.84 -9.37
CA PHE A 462 0.54 -1.73 -9.27
C PHE A 462 1.25 -0.47 -8.80
N GLY A 463 0.66 0.68 -9.05
CA GLY A 463 1.27 1.94 -8.66
C GLY A 463 0.60 3.10 -9.37
N GLY A 464 0.96 4.32 -9.00
CA GLY A 464 0.26 5.42 -9.62
C GLY A 464 0.83 6.20 -10.80
N ARG A 465 -0.05 7.06 -11.29
CA ARG A 465 0.19 8.01 -12.35
C ARG A 465 -0.34 9.28 -11.76
N LYS A 466 0.04 10.42 -12.36
CA LYS A 466 -0.46 11.70 -11.89
C LYS A 466 -0.23 11.85 -10.39
N LYS A 467 -1.23 12.33 -9.65
CA LYS A 467 -1.06 12.52 -8.21
C LYS A 467 -0.97 11.21 -7.42
N SER A 468 -1.21 10.08 -8.07
CA SER A 468 -1.15 8.81 -7.37
C SER A 468 0.28 8.30 -7.15
N GLY A 469 1.27 9.08 -7.62
CA GLY A 469 2.67 8.72 -7.42
C GLY A 469 3.52 8.21 -8.56
N VAL A 470 4.60 7.53 -8.20
CA VAL A 470 5.53 7.01 -9.20
C VAL A 470 6.09 5.65 -8.82
N PHE A 471 6.38 4.84 -9.83
CA PHE A 471 6.95 3.50 -9.65
C PHE A 471 5.96 2.41 -9.19
N ARG A 472 6.39 1.16 -9.27
CA ARG A 472 5.50 0.07 -8.91
C ARG A 472 5.96 -0.87 -7.79
N GLU A 473 4.99 -1.52 -7.18
CA GLU A 473 5.27 -2.56 -6.20
C GLU A 473 4.62 -3.79 -6.82
N GLY A 474 5.15 -4.96 -6.50
CA GLY A 474 4.58 -6.18 -7.04
C GLY A 474 5.63 -7.24 -6.95
N ILE A 475 5.22 -8.52 -7.04
CA ILE A 475 6.15 -9.61 -6.99
C ILE A 475 7.08 -9.41 -8.20
N GLY A 476 8.38 -9.41 -7.93
CA GLY A 476 9.35 -9.25 -9.01
C GLY A 476 9.67 -7.81 -9.41
N TYR A 477 8.65 -6.96 -9.48
CA TYR A 477 8.85 -5.56 -9.88
C TYR A 477 9.45 -4.63 -8.87
N ALA A 478 9.18 -4.88 -7.59
CA ALA A 478 9.71 -4.01 -6.55
C ALA A 478 11.24 -4.03 -6.54
N VAL A 479 11.87 -5.01 -7.18
CA VAL A 479 13.31 -5.01 -7.21
C VAL A 479 13.85 -3.66 -7.80
N GLU A 480 13.08 -3.05 -8.70
CA GLU A 480 13.53 -1.80 -9.34
C GLU A 480 13.67 -0.63 -8.39
N ALA A 481 12.93 -0.65 -7.30
CA ALA A 481 13.04 0.46 -6.37
C ALA A 481 14.06 0.31 -5.25
N VAL A 482 14.53 -0.90 -5.00
CA VAL A 482 15.44 -1.10 -3.87
C VAL A 482 16.78 -1.64 -4.34
N THR A 483 17.00 -1.57 -5.64
CA THR A 483 18.22 -2.08 -6.22
C THR A 483 18.73 -1.06 -7.29
N ALA A 484 20.02 -1.07 -7.58
CA ALA A 484 20.58 -0.18 -8.60
C ALA A 484 21.33 -1.03 -9.61
N TYR A 485 21.44 -0.52 -10.84
CA TYR A 485 22.15 -1.22 -11.90
C TYR A 485 23.65 -1.07 -11.72
N LYS A 486 24.38 -2.05 -12.18
CA LYS A 486 25.83 -2.00 -12.13
C LYS A 486 26.28 -2.52 -13.50
N THR A 487 27.03 -1.69 -14.23
CA THR A 487 27.53 -2.06 -15.55
C THR A 487 29.03 -2.36 -15.50
N ILE A 488 29.44 -3.44 -16.14
CA ILE A 488 30.84 -3.78 -16.21
C ILE A 488 31.19 -3.84 -17.71
N VAL A 489 32.09 -2.95 -18.12
CA VAL A 489 32.52 -2.87 -19.52
C VAL A 489 33.93 -3.43 -19.62
N PHE A 490 34.11 -4.46 -20.44
CA PHE A 490 35.43 -5.07 -20.63
C PHE A 490 36.03 -4.64 -21.94
N ASN A 491 37.30 -4.23 -21.90
CA ASN A 491 38.00 -3.82 -23.11
C ASN A 491 39.01 -4.87 -23.57
N TYR A 492 38.79 -5.42 -24.76
CA TYR A 492 39.73 -6.39 -25.30
C TYR A 492 40.33 -5.90 -26.62
N LYS A 493 40.30 -4.58 -26.84
CA LYS A 493 40.84 -4.00 -28.08
C LYS A 493 42.27 -4.45 -28.32
N GLY A 494 42.51 -5.00 -29.51
CA GLY A 494 43.83 -5.47 -29.91
C GLY A 494 44.37 -6.64 -29.12
N LYS A 495 43.53 -7.28 -28.32
CA LYS A 495 43.98 -8.39 -27.50
C LYS A 495 43.81 -9.77 -28.10
N GLY A 496 43.35 -9.83 -29.34
CA GLY A 496 43.20 -11.12 -29.99
C GLY A 496 42.03 -12.00 -29.59
N VAL A 497 41.02 -11.43 -28.91
CA VAL A 497 39.85 -12.23 -28.55
C VAL A 497 39.10 -12.38 -29.88
N TRP A 498 38.75 -11.24 -30.46
CA TRP A 498 38.07 -11.20 -31.76
C TRP A 498 39.10 -10.91 -32.87
N LYS A 499 38.75 -11.26 -34.11
CA LYS A 499 39.61 -11.03 -35.26
C LYS A 499 38.87 -10.08 -36.21
N TYR A 500 38.72 -8.82 -35.76
CA TYR A 500 38.03 -7.75 -36.49
C TYR A 500 36.54 -8.03 -36.42
N GLU A 501 35.95 -7.87 -35.24
CA GLU A 501 34.51 -8.15 -35.04
C GLU A 501 34.24 -8.14 -33.55
P AMP B . 26.64 -9.30 -4.48
O1P AMP B . 27.37 -9.46 -3.20
O2P AMP B . 26.87 -10.27 -5.53
O3P AMP B . 26.76 -7.87 -5.01
O5' AMP B . 25.13 -9.47 -3.98
C5' AMP B . 24.10 -9.29 -4.89
C4' AMP B . 22.84 -9.89 -4.31
O4' AMP B . 21.92 -9.55 -5.39
C3' AMP B . 22.91 -11.57 -4.26
O3' AMP B . 21.87 -11.99 -3.26
C2' AMP B . 22.49 -11.84 -5.76
O2' AMP B . 21.91 -13.07 -6.01
C1' AMP B . 21.43 -10.69 -6.04
N9 AMP B . 21.33 -10.33 -7.45
C8 AMP B . 22.23 -10.56 -8.50
N7 AMP B . 21.87 -10.12 -9.71
C5 AMP B . 20.64 -9.57 -9.39
C6 AMP B . 19.67 -8.93 -10.20
N6 AMP B . 19.93 -8.79 -11.54
N1 AMP B . 18.52 -8.49 -9.53
C2 AMP B . 18.31 -8.66 -8.21
N3 AMP B . 19.18 -9.27 -7.36
C4 AMP B . 20.29 -9.70 -8.02
PA NAP C . -0.54 9.23 5.40
O1A NAP C . -0.16 10.03 4.22
O2A NAP C . -0.81 10.08 6.57
O5B NAP C . 0.42 8.16 5.86
C5B NAP C . 1.71 8.61 5.99
C4B NAP C . 2.68 7.62 6.55
O4B NAP C . 3.77 8.53 6.49
C3B NAP C . 2.34 7.41 8.02
O3B NAP C . 3.06 6.26 8.49
C2B NAP C . 2.86 8.67 8.63
O2B NAP C . 3.09 8.53 10.02
C1B NAP C . 4.11 9.00 7.81
N9A NAP C . 4.35 10.43 7.77
C8A NAP C . 3.46 11.48 8.01
N7A NAP C . 4.10 12.67 7.88
C5A NAP C . 5.35 12.34 7.58
C6A NAP C . 6.43 13.18 7.34
N6A NAP C . 6.32 14.49 7.39
N1A NAP C . 7.67 12.62 7.03
C2A NAP C . 7.81 11.27 6.97
N3A NAP C . 6.76 10.45 7.20
C4A NAP C . 5.53 10.96 7.51
O3 NAP C . -1.97 8.50 5.10
PN NAP C . -2.82 7.42 5.85
O1N NAP C . -3.87 8.28 6.47
O2N NAP C . -2.07 6.75 6.96
O5D NAP C . -3.64 6.52 4.81
C5D NAP C . -3.13 5.97 3.67
C4D NAP C . -3.13 6.97 2.54
O4D NAP C . -2.26 6.36 1.64
C3D NAP C . -4.47 7.14 1.76
O3D NAP C . -4.53 8.44 1.04
C2D NAP C . -4.44 5.97 0.77
O2D NAP C . -5.23 6.20 -0.40
C1D NAP C . -2.97 5.86 0.49
N1N NAP C . -2.63 4.51 0.16
C2N NAP C . -2.07 4.34 -1.12
C3N NAP C . -1.76 3.04 -1.56
C7N NAP C . -1.16 2.84 -2.98
O7N NAP C . -0.89 1.71 -3.39
N7N NAP C . -0.98 3.96 -3.64
C4N NAP C . -2.02 1.90 -0.70
C5N NAP C . -2.60 2.07 0.63
C6N NAP C . -2.90 3.40 1.05
P2B NAP C . 2.04 8.92 11.20
O1X NAP C . 1.53 10.33 10.82
O2X NAP C . 1.02 7.86 11.22
O3X NAP C . 2.91 9.01 12.43
NA NA D . 19.14 14.16 0.34
#